data_1X8W
#
_entry.id   1X8W
#
_cell.length_a   175.400
_cell.length_b   175.400
_cell.length_c   304.800
_cell.angle_alpha   90.00
_cell.angle_beta   90.00
_cell.angle_gamma   90.00
#
_symmetry.space_group_name_H-M   'P 41 21 2'
#
loop_
_entity.id
_entity.type
_entity.pdbx_description
1 polymer 'Tetrahymena ribozyme RNA'
2 non-polymer 'MAGNESIUM ION'
#
_entity_poly.entity_id   1
_entity_poly.type   'polyribonucleotide'
_entity_poly.pdbx_seq_one_letter_code
;GACCGUCAAAUUGCGGGAAAGGGGUCAACAGCCGUUCAGUACCAAGUCUCAGGGGAAACUUUGAGAUGGCCUUGCAAAGG
GUAUGGUAAUAAGCUGACGGACAUGGUCCUAACCGCGCAGCCAAGUCCUAAGUCAACAGGAGACUGUUGAUAUGGAUGCA
GUACACAGACUAGAUGUCGGCCGGGGAAGAUGUAUUCUUCUCAUAAGGUAUAGUCGGACCUCUCCCGAAAGGGAGUUGGA
GUACUCG
;
_entity_poly.pdbx_strand_id   A,B,C,D
#